data_2VZP
#
_entry.id   2VZP
#
_cell.length_a   54.573
_cell.length_b   57.022
_cell.length_c   81.699
_cell.angle_alpha   90.00
_cell.angle_beta   90.00
_cell.angle_gamma   90.00
#
_symmetry.space_group_name_H-M   'P 21 21 21'
#
loop_
_entity.id
_entity.type
_entity.pdbx_description
1 polymer EXO-BETA-D-GLUCOSAMINIDASE
2 non-polymer 'CALCIUM ION'
3 non-polymer 1,2-ETHANEDIOL
4 water water
#
_entity_poly.entity_id   1
_entity_poly.type   'polypeptide(L)'
_entity_poly.pdbx_seq_one_letter_code
;SDPVDYQAEDATIVQGAVESNHAGYTGTGFVNYDNVAGSSVEWTVTVPSAGTYDVVVRYANGTTTSRPLDFSVNGSISAS
GVAFGSTGTWPAWTTKTVRVTLAAGVNKIKAVATTANGGPNVDKITL
;
_entity_poly.pdbx_strand_id   A,B
#
# COMPACT_ATOMS: atom_id res chain seq x y z
N ASP A 2 14.92 2.73 -1.54
CA ASP A 2 14.58 1.57 -0.69
C ASP A 2 13.85 0.29 -1.11
N PRO A 3 12.49 0.16 -0.88
CA PRO A 3 11.82 -0.65 -1.91
C PRO A 3 12.13 -0.07 -3.30
N VAL A 4 12.28 -0.91 -4.30
CA VAL A 4 12.60 -0.50 -5.68
C VAL A 4 11.42 -0.91 -6.57
N ASP A 5 11.05 0.00 -7.48
CA ASP A 5 9.97 -0.25 -8.44
C ASP A 5 10.52 -0.91 -9.70
N TYR A 6 9.80 -1.93 -10.18
CA TYR A 6 10.12 -2.65 -11.41
C TYR A 6 8.86 -2.57 -12.26
N GLN A 7 8.87 -1.68 -13.26
CA GLN A 7 7.67 -1.40 -14.03
C GLN A 7 7.33 -2.58 -14.94
N ALA A 8 6.05 -2.95 -14.97
CA ALA A 8 5.61 -4.09 -15.80
C ALA A 8 5.91 -3.90 -17.26
N GLU A 9 5.73 -2.65 -17.73
CA GLU A 9 5.89 -2.33 -19.15
C GLU A 9 7.33 -2.44 -19.60
N ASP A 10 8.30 -2.55 -18.65
CA ASP A 10 9.74 -2.72 -18.97
C ASP A 10 10.22 -4.14 -18.77
N ALA A 11 9.26 -5.02 -18.44
CA ALA A 11 9.54 -6.42 -18.15
C ALA A 11 9.33 -7.30 -19.39
N THR A 12 9.49 -8.60 -19.25
CA THR A 12 9.25 -9.51 -20.35
C THR A 12 7.80 -9.93 -20.38
N ILE A 13 7.13 -9.64 -21.47
CA ILE A 13 5.67 -9.77 -21.56
C ILE A 13 5.37 -10.87 -22.59
N VAL A 14 4.58 -11.85 -22.20
CA VAL A 14 4.14 -12.93 -23.07
C VAL A 14 2.63 -12.88 -23.14
N GLN A 15 2.12 -12.68 -24.34
CA GLN A 15 0.68 -12.53 -24.58
C GLN A 15 0.10 -11.40 -23.74
N GLY A 16 0.62 -10.20 -23.94
CA GLY A 16 0.12 -9.01 -23.29
C GLY A 16 0.49 -7.78 -24.08
N ALA A 17 0.06 -6.61 -23.63
CA ALA A 17 0.27 -5.37 -24.35
C ALA A 17 0.54 -4.25 -23.38
N VAL A 18 1.47 -3.37 -23.72
CA VAL A 18 1.73 -2.18 -22.97
C VAL A 18 0.70 -1.14 -23.36
N GLU A 19 -0.03 -0.60 -22.39
CA GLU A 19 -1.07 0.36 -22.59
C GLU A 19 -0.96 1.48 -21.57
N SER A 20 -1.72 2.55 -21.84
CA SER A 20 -1.67 3.75 -21.03
C SER A 20 -3.05 4.46 -21.00
N ASN A 21 -4.14 3.75 -21.26
CA ASN A 21 -5.44 4.36 -21.46
C ASN A 21 -6.30 4.36 -20.23
N HIS A 22 -5.80 3.98 -19.09
CA HIS A 22 -6.42 4.18 -17.82
C HIS A 22 -5.47 5.00 -16.98
N ALA A 23 -5.99 5.99 -16.29
CA ALA A 23 -5.16 6.88 -15.49
C ALA A 23 -4.56 6.19 -14.29
N GLY A 24 -3.49 6.80 -13.76
CA GLY A 24 -2.98 6.49 -12.45
C GLY A 24 -1.85 5.47 -12.38
N TYR A 25 -1.44 4.94 -13.51
CA TYR A 25 -0.24 4.10 -13.56
C TYR A 25 0.99 4.91 -13.18
N THR A 26 2.08 4.20 -12.88
CA THR A 26 3.39 4.80 -12.68
C THR A 26 4.29 4.31 -13.82
N GLY A 27 5.42 4.98 -13.99
CA GLY A 27 6.21 4.74 -15.18
C GLY A 27 5.48 5.23 -16.39
N THR A 28 5.75 4.66 -17.55
CA THR A 28 5.16 5.12 -18.79
C THR A 28 3.85 4.42 -19.14
N GLY A 29 3.43 3.38 -18.42
CA GLY A 29 2.19 2.70 -18.72
C GLY A 29 1.99 1.54 -17.80
N PHE A 30 1.35 0.50 -18.33
CA PHE A 30 1.05 -0.73 -17.56
C PHE A 30 0.91 -1.85 -18.59
N VAL A 31 0.81 -3.09 -18.08
CA VAL A 31 0.58 -4.22 -18.94
C VAL A 31 -0.85 -4.68 -18.79
N ASN A 32 -1.53 -4.82 -19.92
CA ASN A 32 -2.82 -5.42 -20.05
C ASN A 32 -2.57 -6.85 -20.54
N TYR A 33 -2.70 -7.84 -19.65
CA TYR A 33 -2.54 -9.24 -20.06
C TYR A 33 -3.58 -9.56 -21.12
N ASP A 34 -3.21 -10.35 -22.12
CA ASP A 34 -4.26 -10.85 -23.04
C ASP A 34 -5.20 -11.77 -22.25
N ASN A 35 -6.43 -11.85 -22.72
CA ASN A 35 -7.45 -12.60 -22.04
C ASN A 35 -7.39 -14.07 -22.48
N VAL A 36 -6.35 -14.71 -22.00
CA VAL A 36 -6.02 -16.12 -22.20
C VAL A 36 -5.30 -16.61 -20.98
N ALA A 37 -5.42 -17.91 -20.69
CA ALA A 37 -4.55 -18.57 -19.71
C ALA A 37 -3.15 -18.61 -20.27
N GLY A 38 -2.15 -18.34 -19.44
CA GLY A 38 -0.75 -18.43 -19.82
C GLY A 38 -0.14 -17.10 -20.17
N SER A 39 -0.91 -16.01 -20.26
CA SER A 39 -0.33 -14.69 -20.40
C SER A 39 0.52 -14.40 -19.16
N SER A 40 1.61 -13.68 -19.34
CA SER A 40 2.56 -13.52 -18.24
C SER A 40 3.37 -12.25 -18.34
N VAL A 41 3.89 -11.84 -17.19
CA VAL A 41 4.92 -10.79 -17.10
C VAL A 41 6.03 -11.38 -16.21
N GLU A 42 7.28 -11.14 -16.61
CA GLU A 42 8.46 -11.62 -15.88
C GLU A 42 9.43 -10.48 -15.69
N TRP A 43 9.64 -10.12 -14.45
CA TRP A 43 10.52 -9.05 -14.03
C TRP A 43 11.90 -9.57 -13.66
N THR A 44 12.90 -8.79 -14.00
CA THR A 44 14.27 -9.05 -13.55
C THR A 44 14.56 -8.09 -12.41
N VAL A 45 14.86 -8.63 -11.25
CA VAL A 45 15.06 -7.86 -10.03
C VAL A 45 16.44 -8.16 -9.49
N THR A 46 16.93 -7.27 -8.61
CA THR A 46 18.21 -7.53 -7.91
C THR A 46 18.00 -7.21 -6.45
N VAL A 47 18.41 -8.13 -5.59
CA VAL A 47 18.36 -7.92 -4.17
C VAL A 47 19.70 -8.25 -3.53
N PRO A 48 19.97 -7.69 -2.35
CA PRO A 48 21.34 -7.81 -1.78
C PRO A 48 21.58 -9.10 -1.00
N SER A 49 20.53 -9.81 -0.62
CA SER A 49 20.70 -10.99 0.19
CA SER A 49 20.60 -10.91 0.34
C SER A 49 19.60 -11.97 -0.07
N ALA A 50 19.98 -13.24 0.02
CA ALA A 50 19.06 -14.36 -0.17
C ALA A 50 18.05 -14.31 0.98
N GLY A 51 16.79 -14.64 0.67
CA GLY A 51 15.77 -14.73 1.70
C GLY A 51 14.43 -14.36 1.14
N THR A 52 13.55 -14.00 2.09
N THR A 52 13.42 -14.26 1.96
CA THR A 52 12.16 -13.66 1.81
CA THR A 52 12.09 -14.02 1.42
C THR A 52 12.05 -12.19 1.47
C THR A 52 11.81 -12.46 1.50
N TYR A 53 11.21 -11.95 0.45
CA TYR A 53 10.89 -10.56 0.16
C TYR A 53 9.38 -10.44 -0.06
N ASP A 54 8.85 -9.34 0.45
CA ASP A 54 7.46 -8.98 0.18
C ASP A 54 7.38 -8.23 -1.13
N VAL A 55 6.78 -8.85 -2.12
CA VAL A 55 6.64 -8.27 -3.47
C VAL A 55 5.28 -7.62 -3.54
N VAL A 56 5.26 -6.30 -3.71
CA VAL A 56 4.01 -5.53 -3.69
C VAL A 56 3.61 -5.31 -5.14
N VAL A 57 2.53 -5.96 -5.54
CA VAL A 57 1.99 -5.94 -6.89
C VAL A 57 0.94 -4.87 -7.00
N ARG A 58 1.12 -3.91 -7.92
CA ARG A 58 0.15 -2.82 -8.10
C ARG A 58 -0.66 -3.12 -9.37
N TYR A 59 -1.97 -3.30 -9.20
CA TYR A 59 -2.81 -3.91 -10.25
C TYR A 59 -4.20 -3.23 -10.24
N ALA A 60 -4.94 -3.53 -11.29
CA ALA A 60 -6.35 -3.12 -11.39
C ALA A 60 -7.16 -4.23 -12.05
N ASN A 61 -8.43 -4.27 -11.68
CA ASN A 61 -9.35 -5.27 -12.25
C ASN A 61 -10.74 -4.67 -12.22
N GLY A 62 -11.12 -4.06 -13.34
CA GLY A 62 -12.46 -3.43 -13.50
C GLY A 62 -13.56 -4.40 -13.82
N THR A 63 -13.52 -5.59 -13.25
CA THR A 63 -14.58 -6.59 -13.42
C THR A 63 -14.84 -7.23 -12.06
N THR A 64 -15.94 -7.95 -11.98
CA THR A 64 -16.29 -8.68 -10.76
C THR A 64 -15.63 -10.05 -10.67
N THR A 65 -14.86 -10.48 -11.65
CA THR A 65 -14.26 -11.81 -11.64
C THR A 65 -12.80 -11.74 -11.32
N SER A 66 -12.39 -12.47 -10.31
CA SER A 66 -10.96 -12.57 -9.96
C SER A 66 -10.12 -13.07 -11.13
N ARG A 67 -8.91 -12.51 -11.26
CA ARG A 67 -7.96 -12.94 -12.28
C ARG A 67 -6.71 -13.47 -11.63
N PRO A 68 -6.71 -14.76 -11.24
CA PRO A 68 -5.60 -15.28 -10.45
C PRO A 68 -4.31 -15.44 -11.25
N LEU A 69 -3.20 -15.33 -10.52
CA LEU A 69 -1.86 -15.48 -11.05
C LEU A 69 -1.09 -16.51 -10.23
N ASP A 70 -0.25 -17.27 -10.91
CA ASP A 70 0.80 -18.07 -10.30
C ASP A 70 2.10 -17.29 -10.38
N PHE A 71 2.80 -17.20 -9.25
CA PHE A 71 4.11 -16.55 -9.20
C PHE A 71 5.20 -17.60 -9.12
N SER A 72 6.28 -17.39 -9.83
CA SER A 72 7.44 -18.29 -9.80
CA SER A 72 7.43 -18.30 -9.86
C SER A 72 8.67 -17.46 -9.78
N VAL A 73 9.73 -18.06 -9.28
CA VAL A 73 10.94 -17.38 -9.00
C VAL A 73 11.98 -18.29 -9.60
N ASN A 74 12.71 -17.74 -10.53
CA ASN A 74 13.79 -18.48 -11.15
C ASN A 74 13.34 -19.86 -11.68
N GLY A 75 12.09 -19.94 -12.13
CA GLY A 75 11.55 -21.14 -12.75
C GLY A 75 10.89 -22.16 -11.85
N SER A 76 10.77 -21.84 -10.56
CA SER A 76 10.16 -22.65 -9.57
C SER A 76 8.95 -21.95 -8.96
N ILE A 77 7.87 -22.67 -8.67
CA ILE A 77 6.69 -22.06 -8.11
C ILE A 77 7.01 -21.44 -6.75
N SER A 78 6.42 -20.26 -6.56
CA SER A 78 6.59 -19.36 -5.40
CA SER A 78 6.51 -19.61 -5.29
C SER A 78 5.21 -19.25 -4.65
N ALA A 79 4.17 -18.93 -5.41
CA ALA A 79 2.83 -18.75 -4.85
C ALA A 79 1.87 -19.14 -5.92
N SER A 80 1.01 -20.09 -5.69
CA SER A 80 0.08 -20.43 -6.72
CA SER A 80 0.05 -20.60 -6.65
CA SER A 80 0.06 -20.64 -6.60
C SER A 80 -1.33 -20.05 -6.38
N GLY A 81 -2.02 -19.66 -7.42
CA GLY A 81 -3.42 -19.34 -7.27
C GLY A 81 -3.71 -18.10 -6.46
N VAL A 82 -2.91 -17.06 -6.69
CA VAL A 82 -3.10 -15.80 -5.94
C VAL A 82 -4.23 -15.01 -6.62
N ALA A 83 -5.31 -14.75 -5.90
CA ALA A 83 -6.47 -14.06 -6.46
C ALA A 83 -6.16 -12.58 -6.62
N PHE A 84 -6.64 -12.01 -7.72
CA PHE A 84 -6.64 -10.55 -7.93
C PHE A 84 -8.06 -10.12 -8.22
N GLY A 85 -8.76 -9.74 -7.15
CA GLY A 85 -10.18 -9.43 -7.20
C GLY A 85 -10.45 -8.07 -7.78
N SER A 86 -11.74 -7.74 -7.81
CA SER A 86 -12.18 -6.47 -8.37
C SER A 86 -11.52 -5.29 -7.67
N THR A 87 -11.25 -4.26 -8.46
CA THR A 87 -10.91 -2.94 -7.95
C THR A 87 -12.04 -1.93 -8.31
N GLY A 88 -13.16 -2.45 -8.82
CA GLY A 88 -14.31 -1.56 -9.16
C GLY A 88 -14.12 -0.94 -10.54
N THR A 89 -13.06 -0.15 -10.67
CA THR A 89 -12.73 0.55 -11.92
C THR A 89 -11.28 0.26 -12.29
N TRP A 90 -11.02 0.48 -13.56
CA TRP A 90 -9.67 0.23 -14.10
C TRP A 90 -8.61 1.23 -13.59
N PRO A 91 -8.96 2.50 -13.28
CA PRO A 91 -7.93 3.39 -12.70
C PRO A 91 -7.72 3.22 -11.21
N ALA A 92 -8.47 2.35 -10.55
CA ALA A 92 -8.39 2.22 -9.07
C ALA A 92 -7.27 1.22 -8.73
N TRP A 93 -6.05 1.63 -9.01
CA TRP A 93 -4.90 0.75 -8.77
C TRP A 93 -4.83 0.42 -7.28
N THR A 94 -4.59 -0.84 -7.03
CA THR A 94 -4.62 -1.45 -5.70
C THR A 94 -3.37 -2.29 -5.54
N THR A 95 -2.91 -2.52 -4.32
CA THR A 95 -1.74 -3.38 -4.11
C THR A 95 -2.13 -4.67 -3.38
N LYS A 96 -1.36 -5.70 -3.71
CA LYS A 96 -1.41 -6.99 -3.01
CA LYS A 96 -1.42 -6.97 -2.97
CA LYS A 96 -1.40 -6.95 -2.97
C LYS A 96 0.03 -7.46 -2.80
N THR A 97 0.33 -7.99 -1.62
CA THR A 97 1.68 -8.44 -1.31
C THR A 97 1.79 -9.94 -1.40
N VAL A 98 2.81 -10.39 -2.10
CA VAL A 98 3.13 -11.82 -2.28
C VAL A 98 4.54 -12.04 -1.75
N ARG A 99 4.72 -12.98 -0.87
CA ARG A 99 6.10 -13.25 -0.33
CA ARG A 99 6.03 -13.40 -0.40
C ARG A 99 6.74 -14.28 -1.28
N VAL A 100 7.92 -13.89 -1.86
N VAL A 100 7.98 -14.04 -1.44
CA VAL A 100 8.75 -14.66 -2.89
CA VAL A 100 8.68 -15.01 -2.13
C VAL A 100 10.21 -14.84 -2.34
C VAL A 100 10.04 -15.11 -1.61
N THR A 101 10.74 -16.09 -2.18
CA THR A 101 12.13 -16.35 -1.80
C THR A 101 13.05 -16.15 -2.99
N LEU A 102 14.07 -15.34 -2.76
CA LEU A 102 15.04 -14.90 -3.77
C LEU A 102 16.44 -15.30 -3.35
N ALA A 103 17.27 -15.48 -4.35
CA ALA A 103 18.74 -15.59 -4.17
C ALA A 103 19.34 -14.19 -4.09
N ALA A 104 20.52 -14.04 -3.51
CA ALA A 104 21.27 -12.80 -3.63
C ALA A 104 21.53 -12.53 -5.10
N GLY A 105 21.43 -11.25 -5.46
CA GLY A 105 21.72 -10.78 -6.82
C GLY A 105 20.49 -10.82 -7.72
N VAL A 106 20.72 -11.19 -8.97
CA VAL A 106 19.68 -11.09 -10.02
C VAL A 106 18.75 -12.29 -9.91
N ASN A 107 17.45 -12.02 -9.99
CA ASN A 107 16.42 -13.05 -10.01
C ASN A 107 15.35 -12.66 -11.03
N LYS A 108 14.61 -13.64 -11.49
CA LYS A 108 13.42 -13.37 -12.32
C LYS A 108 12.19 -13.83 -11.56
N ILE A 109 11.20 -12.94 -11.51
CA ILE A 109 9.90 -13.20 -10.88
C ILE A 109 8.88 -13.17 -12.01
N LYS A 110 8.13 -14.24 -12.17
CA LYS A 110 7.13 -14.36 -13.23
C LYS A 110 5.75 -14.53 -12.63
N ALA A 111 4.76 -13.86 -13.20
CA ALA A 111 3.37 -13.93 -12.79
C ALA A 111 2.55 -14.32 -14.01
N VAL A 112 1.97 -15.53 -13.97
CA VAL A 112 1.27 -16.05 -15.11
CA VAL A 112 1.28 -16.18 -15.09
C VAL A 112 -0.20 -16.27 -14.77
N ALA A 113 -1.05 -15.86 -15.71
CA ALA A 113 -2.49 -16.03 -15.57
C ALA A 113 -2.88 -17.49 -15.66
N THR A 114 -3.72 -17.96 -14.72
CA THR A 114 -4.10 -19.37 -14.66
C THR A 114 -5.49 -19.64 -15.28
N THR A 115 -6.22 -18.59 -15.63
CA THR A 115 -7.56 -18.73 -16.17
C THR A 115 -7.66 -17.98 -17.51
N ALA A 116 -8.73 -18.34 -18.23
CA ALA A 116 -9.02 -17.78 -19.53
C ALA A 116 -9.26 -16.29 -19.55
N ASN A 117 -9.54 -15.70 -18.38
CA ASN A 117 -9.70 -14.27 -18.16
CA ASN A 117 -9.69 -14.22 -18.39
C ASN A 117 -8.35 -13.50 -18.31
N GLY A 118 -7.24 -14.21 -18.28
CA GLY A 118 -5.94 -13.57 -18.21
C GLY A 118 -5.69 -12.97 -16.85
N GLY A 119 -4.74 -12.05 -16.81
CA GLY A 119 -4.36 -11.39 -15.58
C GLY A 119 -5.08 -10.08 -15.35
N PRO A 120 -4.96 -9.53 -14.12
CA PRO A 120 -5.37 -8.14 -13.93
C PRO A 120 -4.44 -7.23 -14.77
N ASN A 121 -4.81 -5.96 -14.96
CA ASN A 121 -3.80 -5.04 -15.45
C ASN A 121 -2.75 -4.87 -14.37
N VAL A 122 -1.47 -4.84 -14.75
CA VAL A 122 -0.38 -4.73 -13.77
C VAL A 122 0.49 -3.56 -14.08
N ASP A 123 0.61 -2.66 -13.11
CA ASP A 123 1.43 -1.44 -13.24
C ASP A 123 2.91 -1.73 -13.05
N LYS A 124 3.26 -2.47 -12.00
CA LYS A 124 4.61 -2.67 -11.52
C LYS A 124 4.57 -3.68 -10.37
N ILE A 125 5.76 -4.14 -9.99
CA ILE A 125 5.99 -4.74 -8.68
C ILE A 125 7.04 -3.88 -7.98
N THR A 126 7.02 -3.92 -6.65
CA THR A 126 7.94 -3.13 -5.83
C THR A 126 8.45 -4.05 -4.73
N LEU A 127 9.76 -4.09 -4.52
CA LEU A 127 10.35 -4.92 -3.46
C LEU A 127 11.73 -4.48 -3.04
N SER B 1 14.49 15.76 21.97
CA SER B 1 13.32 15.02 22.51
C SER B 1 11.94 15.62 22.13
N ASP B 2 11.85 16.94 21.74
CA ASP B 2 10.53 17.60 21.49
C ASP B 2 9.88 16.98 20.30
N PRO B 3 8.58 16.69 20.38
CA PRO B 3 7.90 16.12 19.24
C PRO B 3 7.92 16.91 17.94
N VAL B 4 7.96 16.21 16.84
CA VAL B 4 8.03 16.76 15.50
C VAL B 4 6.78 16.42 14.74
N ASP B 5 6.31 17.37 13.95
CA ASP B 5 5.19 17.12 13.03
C ASP B 5 5.67 16.43 11.75
N TYR B 6 4.96 15.39 11.37
CA TYR B 6 5.18 14.67 10.11
C TYR B 6 3.84 14.80 9.34
N GLN B 7 3.80 15.73 8.41
CA GLN B 7 2.55 16.06 7.73
C GLN B 7 2.13 14.89 6.87
N ALA B 8 0.83 14.57 6.90
CA ALA B 8 0.29 13.49 6.05
C ALA B 8 0.53 13.76 4.57
N GLU B 9 0.38 15.04 4.19
CA GLU B 9 0.54 15.43 2.78
C GLU B 9 1.96 15.30 2.30
N ASP B 10 2.93 15.14 3.19
CA ASP B 10 4.33 14.91 2.83
C ASP B 10 4.72 13.43 2.86
N ALA B 11 3.79 12.56 3.22
CA ALA B 11 4.06 11.14 3.45
C ALA B 11 3.72 10.33 2.19
N THR B 12 3.86 9.00 2.28
CA THR B 12 3.56 8.10 1.18
C THR B 12 2.09 7.73 1.25
N ILE B 13 1.34 8.09 0.24
CA ILE B 13 -0.13 7.96 0.23
C ILE B 13 -0.52 6.91 -0.80
N VAL B 14 -1.34 5.96 -0.36
CA VAL B 14 -1.85 4.90 -1.23
C VAL B 14 -3.37 4.99 -1.23
N GLN B 15 -3.97 5.14 -2.39
CA GLN B 15 -5.39 5.28 -2.54
C GLN B 15 -5.93 6.41 -1.66
N GLY B 16 -5.41 7.60 -1.90
CA GLY B 16 -5.84 8.82 -1.23
C GLY B 16 -5.32 10.01 -1.95
N ALA B 17 -5.71 11.19 -1.45
CA ALA B 17 -5.40 12.46 -2.10
C ALA B 17 -5.04 13.54 -1.12
N VAL B 18 -4.12 14.39 -1.51
CA VAL B 18 -3.81 15.62 -0.77
C VAL B 18 -4.84 16.69 -1.11
N GLU B 19 -5.48 17.24 -0.08
CA GLU B 19 -6.51 18.26 -0.20
C GLU B 19 -6.29 19.33 0.84
N SER B 20 -7.00 20.45 0.64
CA SER B 20 -6.86 21.60 1.50
C SER B 20 -8.16 22.40 1.53
N ASN B 21 -9.31 21.78 1.29
N ASN B 21 -9.28 21.70 1.32
CA ASN B 21 -10.56 22.55 1.22
CA ASN B 21 -10.59 22.32 1.14
C ASN B 21 -11.27 22.78 2.53
C ASN B 21 -11.50 22.32 2.39
N HIS B 22 -10.95 22.01 3.55
CA HIS B 22 -11.56 22.23 4.86
C HIS B 22 -10.54 22.97 5.70
N ALA B 23 -10.99 23.99 6.41
CA ALA B 23 -10.11 24.80 7.24
C ALA B 23 -9.56 24.01 8.39
N GLY B 24 -8.46 24.51 8.95
CA GLY B 24 -7.95 24.03 10.25
C GLY B 24 -6.83 23.01 10.19
N TYR B 25 -6.46 22.59 8.99
CA TYR B 25 -5.27 21.75 8.83
C TYR B 25 -4.04 22.56 9.20
N THR B 26 -2.91 21.86 9.39
CA THR B 26 -1.60 22.48 9.52
C THR B 26 -0.75 21.99 8.38
N GLY B 27 0.36 22.67 8.18
CA GLY B 27 1.13 22.45 6.96
C GLY B 27 0.33 22.96 5.77
N THR B 28 0.54 22.33 4.63
CA THR B 28 -0.06 22.78 3.37
C THR B 28 -1.38 22.08 3.06
N GLY B 29 -1.80 21.09 3.82
CA GLY B 29 -3.07 20.43 3.56
C GLY B 29 -3.24 19.24 4.48
N PHE B 30 -3.94 18.22 3.97
CA PHE B 30 -4.21 17.00 4.72
C PHE B 30 -4.43 15.90 3.71
N VAL B 31 -4.57 14.66 4.18
CA VAL B 31 -4.89 13.54 3.29
C VAL B 31 -6.32 13.12 3.52
N ASN B 32 -7.02 13.01 2.38
CA ASN B 32 -8.36 12.43 2.27
C ASN B 32 -8.19 11.01 1.73
N TYR B 33 -8.31 10.02 2.61
CA TYR B 33 -8.25 8.60 2.18
C TYR B 33 -9.36 8.32 1.19
N ASP B 34 -9.10 7.51 0.16
CA ASP B 34 -10.21 7.02 -0.67
C ASP B 34 -11.13 6.18 0.21
N ASN B 35 -12.38 6.09 -0.23
CA ASN B 35 -13.45 5.31 0.44
CA ASN B 35 -13.38 5.41 0.59
C ASN B 35 -13.34 3.87 0.08
N VAL B 36 -12.33 3.23 0.61
CA VAL B 36 -12.01 1.86 0.29
C VAL B 36 -11.13 1.33 1.39
N ALA B 37 -11.30 0.05 1.73
CA ALA B 37 -10.35 -0.58 2.64
C ALA B 37 -9.00 -0.67 1.93
N GLY B 38 -7.92 -0.52 2.67
CA GLY B 38 -6.58 -0.61 2.10
C GLY B 38 -5.98 0.73 1.72
N SER B 39 -6.74 1.81 1.75
CA SER B 39 -6.14 3.14 1.62
C SER B 39 -5.21 3.34 2.83
N SER B 40 -4.11 4.04 2.60
CA SER B 40 -3.10 4.16 3.66
C SER B 40 -2.26 5.41 3.51
N VAL B 41 -1.62 5.76 4.62
CA VAL B 41 -0.59 6.77 4.66
C VAL B 41 0.57 6.18 5.43
N GLU B 42 1.82 6.43 5.00
CA GLU B 42 3.02 5.87 5.62
C GLU B 42 4.03 6.98 5.78
N TRP B 43 4.34 7.27 7.02
CA TRP B 43 5.26 8.34 7.42
C TRP B 43 6.65 7.76 7.74
N THR B 44 7.66 8.52 7.36
CA THR B 44 9.05 8.25 7.74
C THR B 44 9.42 9.21 8.87
N VAL B 45 9.75 8.66 10.02
CA VAL B 45 10.00 9.42 11.23
C VAL B 45 11.38 9.07 11.77
N THR B 46 11.88 9.95 12.64
CA THR B 46 13.16 9.73 13.33
CA THR B 46 13.14 9.67 13.32
C THR B 46 12.99 10.04 14.78
N VAL B 47 13.40 9.12 15.65
CA VAL B 47 13.33 9.31 17.08
C VAL B 47 14.70 9.01 17.71
N PRO B 48 14.98 9.62 18.86
CA PRO B 48 16.34 9.52 19.45
C PRO B 48 16.59 8.23 20.19
N SER B 49 15.57 7.49 20.57
CA SER B 49 15.76 6.30 21.36
CA SER B 49 15.69 6.37 21.51
C SER B 49 14.69 5.30 21.14
N ALA B 50 15.09 4.04 21.27
CA ALA B 50 14.14 2.94 21.10
C ALA B 50 13.17 2.93 22.25
N GLY B 51 11.91 2.61 21.97
CA GLY B 51 10.90 2.54 22.99
C GLY B 51 9.54 2.85 22.39
N THR B 52 8.58 2.96 23.28
CA THR B 52 7.19 3.18 22.86
CA THR B 52 7.21 3.16 22.84
C THR B 52 6.88 4.67 22.95
N TYR B 53 6.33 5.25 21.91
CA TYR B 53 6.07 6.69 21.74
C TYR B 53 4.56 6.90 21.70
N ASP B 54 4.17 8.07 22.16
CA ASP B 54 2.81 8.58 21.95
C ASP B 54 2.76 9.23 20.58
N VAL B 55 2.13 8.59 19.64
CA VAL B 55 1.98 9.09 18.27
C VAL B 55 0.63 9.81 18.24
N VAL B 56 0.69 11.14 18.13
CA VAL B 56 -0.52 11.96 18.18
C VAL B 56 -1.02 12.17 16.76
N VAL B 57 -2.15 11.57 16.47
CA VAL B 57 -2.74 11.57 15.12
C VAL B 57 -3.79 12.66 15.08
N ARG B 58 -3.61 13.66 14.22
CA ARG B 58 -4.56 14.78 14.13
C ARG B 58 -5.46 14.52 12.92
N TYR B 59 -6.80 14.53 13.17
CA TYR B 59 -7.73 14.00 12.20
C TYR B 59 -9.07 14.73 12.30
N ALA B 60 -9.90 14.50 11.30
CA ALA B 60 -11.29 14.96 11.27
C ALA B 60 -12.14 13.85 10.67
N ASN B 61 -13.42 13.80 11.07
CA ASN B 61 -14.38 12.83 10.58
C ASN B 61 -15.75 13.45 10.66
N GLY B 62 -16.18 14.06 9.54
CA GLY B 62 -17.51 14.73 9.46
C GLY B 62 -18.65 13.80 9.22
N THR B 63 -18.63 12.62 9.79
CA THR B 63 -19.70 11.65 9.67
C THR B 63 -19.96 11.06 11.03
N THR B 64 -21.08 10.36 11.15
CA THR B 64 -21.39 9.69 12.40
C THR B 64 -20.81 8.28 12.49
N THR B 65 -20.08 7.83 11.48
CA THR B 65 -19.53 6.49 11.49
C THR B 65 -18.04 6.56 11.75
N SER B 66 -17.61 5.78 12.73
CA SER B 66 -16.18 5.64 13.06
CA SER B 66 -16.15 5.77 13.02
C SER B 66 -15.42 5.03 11.91
N ARG B 67 -14.19 5.46 11.67
CA ARG B 67 -13.34 4.95 10.63
C ARG B 67 -12.08 4.36 11.23
N PRO B 68 -11.99 3.03 11.27
CA PRO B 68 -10.84 2.44 11.95
C PRO B 68 -9.61 2.34 11.04
N LEU B 69 -8.46 2.46 11.69
CA LEU B 69 -7.18 2.26 11.05
C LEU B 69 -6.35 1.24 11.82
N ASP B 70 -5.57 0.48 11.08
CA ASP B 70 -4.51 -0.38 11.66
C ASP B 70 -3.17 0.30 11.47
N PHE B 71 -2.36 0.36 12.52
CA PHE B 71 -1.04 0.97 12.49
C PHE B 71 0.02 -0.13 12.50
N SER B 72 1.10 0.09 11.76
CA SER B 72 2.21 -0.85 11.74
C SER B 72 3.53 -0.11 11.56
N VAL B 73 4.63 -0.77 11.90
CA VAL B 73 6.01 -0.27 11.69
C VAL B 73 6.80 -1.38 11.08
N ASN B 74 7.12 -1.51 9.78
CA ASN B 74 7.83 -2.68 9.16
C ASN B 74 7.08 -3.96 9.00
N GLY B 75 5.84 -3.74 8.79
CA GLY B 75 5.08 -4.95 8.77
C GLY B 75 4.84 -5.46 10.15
N SER B 76 5.34 -4.79 11.19
CA SER B 76 4.99 -5.29 12.51
CA SER B 76 5.06 -5.23 12.58
C SER B 76 3.75 -4.53 12.98
N ILE B 77 2.74 -5.25 13.45
CA ILE B 77 1.54 -4.65 14.05
C ILE B 77 1.88 -3.76 15.21
N SER B 78 1.39 -2.54 15.14
CA SER B 78 1.54 -1.53 16.20
C SER B 78 0.18 -1.32 16.91
N ALA B 79 -0.92 -1.27 16.16
CA ALA B 79 -2.25 -1.09 16.77
C ALA B 79 -3.24 -1.63 15.76
N SER B 80 -4.27 -2.29 16.21
CA SER B 80 -5.30 -2.90 15.37
CA SER B 80 -5.30 -2.70 15.25
C SER B 80 -6.62 -2.23 15.72
N GLY B 81 -7.43 -1.80 14.76
CA GLY B 81 -8.77 -1.35 15.07
C GLY B 81 -8.80 -0.08 15.90
N VAL B 82 -7.96 0.88 15.56
CA VAL B 82 -8.02 2.19 16.21
C VAL B 82 -9.16 2.98 15.57
N ALA B 83 -10.21 3.23 16.33
CA ALA B 83 -11.42 3.81 15.76
C ALA B 83 -11.39 5.31 15.83
N PHE B 84 -11.52 5.99 14.70
CA PHE B 84 -11.53 7.46 14.60
C PHE B 84 -12.99 7.88 14.47
N GLY B 85 -13.53 8.36 15.57
CA GLY B 85 -14.92 8.73 15.67
C GLY B 85 -15.21 10.09 15.09
N SER B 86 -16.48 10.44 15.15
CA SER B 86 -16.92 11.71 14.58
C SER B 86 -16.26 12.89 15.25
N THR B 87 -16.01 13.91 14.45
CA THR B 87 -15.66 15.24 14.94
C THR B 87 -16.77 16.25 14.61
N GLY B 88 -17.93 15.77 14.14
CA GLY B 88 -19.08 16.62 13.87
C GLY B 88 -19.05 17.26 12.50
N THR B 89 -17.96 17.96 12.21
CA THR B 89 -17.80 18.64 10.93
C THR B 89 -16.38 18.38 10.43
N TRP B 90 -16.16 18.54 9.13
CA TRP B 90 -14.83 18.31 8.55
C TRP B 90 -13.74 19.30 8.96
N PRO B 91 -14.08 20.57 9.25
CA PRO B 91 -13.03 21.47 9.74
C PRO B 91 -12.77 21.38 11.23
N ALA B 92 -13.51 20.56 11.95
N ALA B 92 -13.40 20.43 11.94
CA ALA B 92 -13.22 20.39 13.35
CA ALA B 92 -13.31 20.25 13.44
C ALA B 92 -12.29 19.18 13.42
C ALA B 92 -12.27 19.22 13.98
N TRP B 93 -11.05 19.50 13.76
CA TRP B 93 -9.99 18.52 13.98
C TRP B 93 -9.84 18.23 15.45
N THR B 94 -9.40 17.00 15.75
CA THR B 94 -8.96 16.66 17.10
C THR B 94 -7.79 15.69 16.94
N THR B 95 -7.35 15.11 18.05
CA THR B 95 -6.28 14.15 17.99
C THR B 95 -6.66 12.89 18.78
N LYS B 96 -5.93 11.84 18.43
CA LYS B 96 -5.99 10.57 19.16
CA LYS B 96 -6.00 10.55 19.13
CA LYS B 96 -5.99 10.54 19.11
CA LYS B 96 -5.98 10.60 19.20
C LYS B 96 -4.56 10.08 19.27
N THR B 97 -4.18 9.64 20.46
CA THR B 97 -2.81 9.14 20.71
C THR B 97 -2.76 7.64 20.57
N VAL B 98 -1.85 7.15 19.76
CA VAL B 98 -1.62 5.72 19.53
C VAL B 98 -0.20 5.42 20.01
N ARG B 99 -0.08 4.39 20.82
CA ARG B 99 1.23 3.95 21.33
C ARG B 99 1.89 3.10 20.26
N VAL B 100 3.09 3.45 19.86
CA VAL B 100 3.82 2.79 18.72
C VAL B 100 5.25 2.56 19.18
N THR B 101 5.71 1.32 19.11
CA THR B 101 7.09 0.95 19.46
C THR B 101 8.01 1.13 18.27
N LEU B 102 9.11 1.87 18.51
CA LEU B 102 10.03 2.30 17.49
C LEU B 102 11.45 1.92 17.88
N ALA B 103 12.30 1.74 16.89
CA ALA B 103 13.75 1.67 17.08
C ALA B 103 14.33 3.06 17.14
N ALA B 104 15.54 3.19 17.70
CA ALA B 104 16.28 4.44 17.58
C ALA B 104 16.50 4.72 16.10
N GLY B 105 16.38 6.01 15.74
CA GLY B 105 16.63 6.43 14.38
C GLY B 105 15.39 6.39 13.51
N VAL B 106 15.56 6.02 12.25
CA VAL B 106 14.53 6.13 11.25
C VAL B 106 13.59 4.94 11.35
N ASN B 107 12.28 5.22 11.25
CA ASN B 107 11.25 4.22 11.22
C ASN B 107 10.19 4.64 10.24
N LYS B 108 9.38 3.69 9.78
CA LYS B 108 8.20 4.02 8.96
CA LYS B 108 8.19 3.99 8.95
C LYS B 108 6.97 3.56 9.72
N ILE B 109 6.00 4.47 9.90
CA ILE B 109 4.74 4.18 10.55
C ILE B 109 3.63 4.25 9.48
N LYS B 110 2.86 3.19 9.32
CA LYS B 110 1.80 3.10 8.33
C LYS B 110 0.45 2.98 9.01
N ALA B 111 -0.55 3.70 8.50
CA ALA B 111 -1.92 3.66 8.99
C ALA B 111 -2.83 3.33 7.83
N VAL B 112 -3.42 2.13 7.88
CA VAL B 112 -4.25 1.62 6.79
CA VAL B 112 -4.24 1.52 6.81
C VAL B 112 -5.70 1.46 7.21
N ALA B 113 -6.60 1.89 6.35
CA ALA B 113 -8.03 1.73 6.60
C ALA B 113 -8.45 0.28 6.43
N THR B 114 -9.31 -0.18 7.34
CA THR B 114 -9.81 -1.57 7.28
C THR B 114 -11.27 -1.67 6.82
N THR B 115 -11.96 -0.56 6.60
CA THR B 115 -13.36 -0.61 6.14
C THR B 115 -13.48 0.21 4.87
N ALA B 116 -14.62 -0.01 4.20
CA ALA B 116 -14.96 0.64 2.95
C ALA B 116 -15.22 2.14 3.07
N ASN B 117 -15.30 2.67 4.29
CA ASN B 117 -15.34 4.11 4.48
C ASN B 117 -13.97 4.72 4.47
N GLY B 118 -12.90 3.95 4.35
CA GLY B 118 -11.57 4.50 4.34
C GLY B 118 -11.18 5.05 5.70
N GLY B 119 -10.25 5.99 5.67
CA GLY B 119 -9.79 6.59 6.91
C GLY B 119 -10.45 7.90 7.21
N PRO B 120 -10.28 8.43 8.41
CA PRO B 120 -10.63 9.85 8.63
C PRO B 120 -9.73 10.71 7.76
N ASN B 121 -10.06 12.00 7.60
CA ASN B 121 -9.07 12.89 7.03
C ASN B 121 -7.95 13.05 8.04
N VAL B 122 -6.70 12.97 7.60
CA VAL B 122 -5.53 13.01 8.50
C VAL B 122 -4.67 14.20 8.16
N ASP B 123 -4.44 15.05 9.15
CA ASP B 123 -3.61 16.24 9.00
C ASP B 123 -2.13 15.87 9.03
N LYS B 124 -1.74 15.06 10.01
CA LYS B 124 -0.33 14.79 10.36
C LYS B 124 -0.35 13.79 11.52
N ILE B 125 0.85 13.27 11.80
CA ILE B 125 1.15 12.65 13.10
C ILE B 125 2.27 13.48 13.71
N THR B 126 2.38 13.42 15.04
CA THR B 126 3.37 14.20 15.77
C THR B 126 3.92 13.31 16.85
N LEU B 127 5.24 13.22 16.96
CA LEU B 127 5.87 12.37 17.99
C LEU B 127 7.35 12.76 18.12
#